data_3MR3
#
_entry.id   3MR3
#
_cell.length_a   98.243
_cell.length_b   98.243
_cell.length_c   82.306
_cell.angle_alpha   90.00
_cell.angle_beta   90.00
_cell.angle_gamma   120.00
#
_symmetry.space_group_name_H-M   'P 61'
#
loop_
_entity.id
_entity.type
_entity.pdbx_description
1 polymer 'DNA polymerase eta'
2 polymer "DNA (5'-D(*CP*AP*(TTD)P*AP*TP*GP*AP*CP*GP*CP*T)-3')"
3 polymer "DNA (5'-D(*CP*AP*GP*CP*GP*TP*CP*AP*T)-3')"
4 non-polymer "2'-deoxy-5'-O-[(R)-hydroxy{[(R)-hydroxy(phosphonooxy)phosphoryl]amino}phosphoryl]adenosine"
5 non-polymer 'MAGNESIUM ION'
6 non-polymer GLYCEROL
7 water water
#
loop_
_entity_poly.entity_id
_entity_poly.type
_entity_poly.pdbx_seq_one_letter_code
_entity_poly.pdbx_strand_id
1 'polypeptide(L)'
;GPHMATGQDRVVALVDMDCFFVQVEQRQNPHLRNKPCAVVQYKSWKGGGIIAVSYEARAFGVTRSMWADDAKKLCPDLLL
AQVRESRGKANLTKYREASVEVMEIMSRFAVIERASIDEAYVDLTSAVQERLQKLQGQPISADLLPSTYIEGLPQGPTTA
EETVQKEGMRKQGLFQWLDSLQIDNLTSPDLQLTVGAVIVEEMRAAIERETGFQCSAGISHNKVLAKLACGLNKPNRQTL
VSHGSVPQLFSQMPIRKIRSLGGKLGASVIEILGIEYMGELTQFTESQLQSHFGEKNGSWLYAMCRGIEHDPVKPRQLPK
TIGCSKNFPGKTALATREQVQWWLLQLAQELEERLTKDRNDNDRVATQLVVSIRVQGDKRLSSLRRCCALTRYDAHKMSH
DAFTVIKNCNTSGIQTEWSPPLTMLFLCATKFSAS
;
A
2 'polydeoxyribonucleotide' (DC)(DA)(TTD)(DA)(DT)(DG)(DA)(DC)(DG)(DC)(DT) T
3 'polydeoxyribonucleotide' (DC)(DA)(DG)(DC)(DG)(DT)(DC)(DA)(DT) P
#
# COMPACT_ATOMS: atom_id res chain seq x y z
N GLY A 1 -33.73 11.97 6.37
CA GLY A 1 -32.74 12.13 7.46
C GLY A 1 -32.71 10.94 8.38
N PRO A 2 -33.87 10.52 8.88
CA PRO A 2 -34.01 9.36 9.78
C PRO A 2 -33.64 8.05 9.12
N HIS A 3 -33.68 7.99 7.80
CA HIS A 3 -33.40 6.76 7.07
C HIS A 3 -32.20 6.89 6.16
N MET A 4 -31.48 8.01 6.20
CA MET A 4 -30.31 8.15 5.34
C MET A 4 -29.06 7.61 6.03
N ALA A 5 -28.53 6.53 5.47
CA ALA A 5 -27.36 5.90 6.04
C ALA A 5 -26.16 6.83 5.99
N THR A 6 -25.34 6.80 7.03
CA THR A 6 -24.22 7.72 7.13
C THR A 6 -22.85 7.04 6.98
N GLY A 7 -22.80 5.74 6.70
CA GLY A 7 -21.51 5.09 6.55
C GLY A 7 -20.66 5.15 7.81
N GLN A 8 -21.32 5.05 8.96
CA GLN A 8 -20.65 5.12 10.26
C GLN A 8 -20.72 3.80 11.03
N ASP A 9 -21.04 2.73 10.30
CA ASP A 9 -21.24 1.40 10.90
C ASP A 9 -19.97 0.70 11.39
N ARG A 10 -18.83 1.00 10.79
CA ARG A 10 -17.59 0.28 11.07
C ARG A 10 -16.48 1.19 11.56
N VAL A 11 -15.49 0.57 12.19
CA VAL A 11 -14.27 1.26 12.53
C VAL A 11 -13.15 0.55 11.78
N VAL A 12 -12.52 1.27 10.87
CA VAL A 12 -11.49 0.68 10.02
C VAL A 12 -10.20 1.47 10.10
N ALA A 13 -9.07 0.78 10.13
CA ALA A 13 -7.82 1.45 10.16
C ALA A 13 -6.90 0.93 9.08
N LEU A 14 -6.05 1.83 8.63
CA LEU A 14 -5.01 1.49 7.64
CA LEU A 14 -5.02 1.48 7.66
CA LEU A 14 -5.00 1.50 7.65
C LEU A 14 -3.67 1.82 8.27
N VAL A 15 -2.80 0.83 8.37
CA VAL A 15 -1.50 1.06 8.93
C VAL A 15 -0.45 0.93 7.85
N ASP A 16 0.38 1.95 7.67
CA ASP A 16 1.39 1.94 6.63
C ASP A 16 2.75 2.26 7.19
N MET A 17 3.74 1.41 6.92
CA MET A 17 5.09 1.62 7.45
C MET A 17 5.72 2.89 6.87
N ASP A 18 6.50 3.56 7.69
CA ASP A 18 7.21 4.73 7.22
C ASP A 18 8.47 4.33 6.46
N CYS A 19 8.68 4.95 5.29
CA CYS A 19 9.86 4.64 4.45
C CYS A 19 10.34 3.21 4.75
N PHE A 20 9.47 2.28 4.45
CA PHE A 20 9.64 0.88 4.85
C PHE A 20 10.96 0.22 4.45
N PHE A 21 11.32 0.17 3.18
CA PHE A 21 12.55 -0.51 2.80
C PHE A 21 13.76 0.11 3.49
N VAL A 22 13.74 1.43 3.65
CA VAL A 22 14.80 2.12 4.36
C VAL A 22 14.87 1.69 5.82
N GLN A 23 13.74 1.63 6.50
CA GLN A 23 13.77 1.22 7.90
C GLN A 23 14.29 -0.21 8.05
N VAL A 24 13.99 -1.10 7.11
CA VAL A 24 14.47 -2.46 7.16
C VAL A 24 16.01 -2.48 7.11
N GLU A 25 16.56 -1.68 6.18
CA GLU A 25 18.01 -1.54 6.05
C GLU A 25 18.63 -0.79 7.25
N GLN A 26 17.91 0.16 7.85
CA GLN A 26 18.47 0.89 8.98
C GLN A 26 18.48 0.03 10.25
N ARG A 27 17.51 -0.85 10.41
CA ARG A 27 17.52 -1.74 11.54
C ARG A 27 18.74 -2.63 11.44
N GLN A 28 19.03 -3.09 10.23
CA GLN A 28 20.14 -4.00 9.99
C GLN A 28 21.50 -3.32 10.10
N ASN A 29 21.58 -2.10 9.59
CA ASN A 29 22.82 -1.32 9.60
C ASN A 29 22.64 -0.02 10.39
N PRO A 30 22.96 -0.04 11.69
CA PRO A 30 22.82 1.13 12.57
C PRO A 30 23.48 2.39 12.01
N HIS A 31 24.51 2.25 11.18
CA HIS A 31 25.18 3.40 10.58
C HIS A 31 24.21 4.23 9.75
N LEU A 32 23.12 3.64 9.27
CA LEU A 32 22.18 4.37 8.41
C LEU A 32 21.08 5.08 9.18
N ARG A 33 20.92 4.78 10.46
CA ARG A 33 19.86 5.37 11.24
C ARG A 33 20.00 6.87 11.40
N ASN A 34 18.85 7.54 11.29
CA ASN A 34 18.74 8.99 11.46
C ASN A 34 19.58 9.79 10.48
N LYS A 35 19.69 9.29 9.27
CA LYS A 35 20.48 9.91 8.23
C LYS A 35 19.70 9.97 6.95
N PRO A 36 20.14 10.84 6.04
CA PRO A 36 19.48 10.89 4.75
C PRO A 36 19.94 9.64 4.02
N CYS A 37 19.00 8.74 3.75
CA CYS A 37 19.29 7.42 3.19
CA CYS A 37 19.38 7.55 3.00
C CYS A 37 18.23 7.02 2.17
N ALA A 38 18.60 6.21 1.21
CA ALA A 38 17.64 5.68 0.27
C ALA A 38 18.00 4.26 -0.13
N VAL A 39 16.99 3.52 -0.58
CA VAL A 39 17.21 2.18 -1.07
C VAL A 39 17.17 2.21 -2.59
N VAL A 40 18.14 1.57 -3.20
CA VAL A 40 18.25 1.56 -4.65
CA VAL A 40 18.26 1.56 -4.65
CA VAL A 40 18.26 1.56 -4.64
C VAL A 40 18.33 0.13 -5.19
N GLN A 41 17.96 -0.05 -6.45
CA GLN A 41 18.06 -1.36 -7.07
C GLN A 41 18.87 -1.25 -8.36
N TYR A 42 19.90 -2.10 -8.56
N TYR A 42 19.88 -2.12 -8.41
CA TYR A 42 20.77 -2.05 -9.82
CA TYR A 42 20.83 -2.13 -9.49
C TYR A 42 21.64 -0.79 -9.88
C TYR A 42 21.80 -0.98 -9.27
N LYS A 43 22.93 -0.95 -9.58
N LYS A 43 23.01 -1.04 -9.82
CA LYS A 43 23.87 0.20 -9.52
CA LYS A 43 23.97 0.03 -9.56
C LYS A 43 24.42 0.66 -10.87
C LYS A 43 24.57 0.60 -10.82
N SER A 44 24.64 -0.24 -11.84
CA SER A 44 25.29 0.13 -13.11
C SER A 44 24.69 1.31 -13.88
N TRP A 45 23.39 1.41 -14.01
CA TRP A 45 22.81 2.54 -14.72
C TRP A 45 22.51 3.68 -13.79
N LYS A 46 23.31 4.74 -13.94
CA LYS A 46 23.14 5.99 -13.18
C LYS A 46 23.09 5.80 -11.66
N GLY A 47 23.78 4.79 -11.16
CA GLY A 47 23.84 4.55 -9.74
C GLY A 47 22.70 3.75 -9.16
N GLY A 48 21.73 3.39 -10.00
CA GLY A 48 20.58 2.62 -9.58
C GLY A 48 19.32 3.44 -9.40
N GLY A 49 18.16 2.77 -9.46
CA GLY A 49 16.90 3.48 -9.29
C GLY A 49 16.48 3.48 -7.84
N ILE A 50 16.12 4.66 -7.33
CA ILE A 50 15.69 4.78 -5.96
C ILE A 50 14.26 4.28 -5.80
N ILE A 51 14.02 3.45 -4.81
CA ILE A 51 12.67 2.95 -4.57
C ILE A 51 12.14 3.29 -3.17
N ALA A 52 12.99 3.77 -2.28
CA ALA A 52 12.58 4.18 -0.94
C ALA A 52 13.50 5.27 -0.39
N VAL A 53 12.93 6.24 0.30
CA VAL A 53 13.70 7.41 0.78
C VAL A 53 13.36 7.78 2.22
N SER A 54 14.37 7.95 3.06
CA SER A 54 14.15 8.36 4.44
C SER A 54 13.60 9.78 4.47
N TYR A 55 12.90 10.15 5.54
CA TYR A 55 12.34 11.47 5.63
C TYR A 55 13.42 12.55 5.65
N GLU A 56 14.59 12.22 6.20
CA GLU A 56 15.71 13.17 6.21
C GLU A 56 16.16 13.47 4.78
N ALA A 57 16.13 12.45 3.91
CA ALA A 57 16.54 12.63 2.52
C ALA A 57 15.46 13.34 1.71
N ARG A 58 14.20 13.16 2.07
CA ARG A 58 13.11 13.82 1.36
C ARG A 58 13.20 15.32 1.50
N ALA A 59 13.80 15.76 2.59
CA ALA A 59 13.98 17.19 2.87
C ALA A 59 14.87 17.86 1.82
N PHE A 60 15.70 17.05 1.15
CA PHE A 60 16.60 17.55 0.09
C PHE A 60 15.97 17.43 -1.29
N GLY A 61 14.77 16.86 -1.35
CA GLY A 61 14.07 16.69 -2.62
C GLY A 61 14.26 15.31 -3.25
N VAL A 62 14.86 14.38 -2.52
CA VAL A 62 15.07 13.05 -3.04
C VAL A 62 13.75 12.30 -3.09
N THR A 63 13.48 11.63 -4.22
CA THR A 63 12.26 10.88 -4.39
C THR A 63 12.51 9.57 -5.11
N ARG A 64 11.48 8.77 -5.02
CA ARG A 64 11.39 7.50 -5.70
C ARG A 64 11.32 7.78 -7.21
N SER A 65 11.71 6.86 -8.09
CA SER A 65 11.71 7.16 -9.52
C SER A 65 12.76 8.22 -9.85
N MET A 66 13.83 8.16 -9.10
CA MET A 66 14.95 9.04 -9.29
C MET A 66 16.21 8.20 -9.36
N TRP A 67 17.11 8.46 -10.29
CA TRP A 67 18.36 7.73 -10.34
C TRP A 67 19.23 8.16 -9.18
N ALA A 68 19.99 7.25 -8.57
CA ALA A 68 20.82 7.62 -7.42
C ALA A 68 21.84 8.70 -7.78
N ASP A 69 22.41 8.67 -8.96
CA ASP A 69 23.38 9.68 -9.36
C ASP A 69 22.75 11.07 -9.29
N ASP A 70 21.49 11.16 -9.69
CA ASP A 70 20.77 12.43 -9.67
C ASP A 70 20.42 12.83 -8.23
N ALA A 71 20.01 11.86 -7.40
CA ALA A 71 19.68 12.14 -6.01
C ALA A 71 20.89 12.71 -5.27
N LYS A 72 22.06 12.19 -5.59
CA LYS A 72 23.30 12.64 -4.98
C LYS A 72 23.58 14.12 -5.30
N LYS A 73 23.08 14.61 -6.41
CA LYS A 73 23.26 16.00 -6.77
C LYS A 73 22.46 16.91 -5.83
N LEU A 74 21.31 16.42 -5.41
CA LEU A 74 20.45 17.13 -4.50
C LEU A 74 20.93 17.01 -3.06
N CYS A 75 21.47 15.83 -2.77
CA CYS A 75 21.91 15.47 -1.43
C CYS A 75 23.22 14.71 -1.49
N PRO A 76 24.34 15.44 -1.51
CA PRO A 76 25.68 14.86 -1.60
C PRO A 76 26.00 13.84 -0.50
N ASP A 77 25.45 13.98 0.69
CA ASP A 77 25.76 13.07 1.77
C ASP A 77 24.76 11.91 1.88
N LEU A 78 23.91 11.76 0.87
CA LEU A 78 22.92 10.70 0.86
C LEU A 78 23.56 9.33 1.00
N LEU A 79 23.06 8.53 1.94
CA LEU A 79 23.54 7.17 2.11
C LEU A 79 22.64 6.21 1.35
N LEU A 80 23.21 5.14 0.81
CA LEU A 80 22.45 4.21 0.00
C LEU A 80 22.63 2.77 0.45
N ALA A 81 21.52 2.05 0.39
CA ALA A 81 21.50 0.64 0.63
C ALA A 81 20.97 -0.03 -0.64
N GLN A 82 21.59 -1.11 -1.05
CA GLN A 82 21.23 -1.78 -2.29
C GLN A 82 20.33 -2.97 -2.07
N VAL A 83 19.33 -3.13 -2.92
CA VAL A 83 18.49 -4.30 -2.86
C VAL A 83 19.31 -5.52 -3.25
N ARG A 84 19.11 -6.63 -2.57
CA ARG A 84 19.84 -7.85 -2.86
C ARG A 84 19.62 -8.26 -4.31
N GLU A 85 20.66 -8.76 -4.94
CA GLU A 85 20.56 -9.26 -6.28
C GLU A 85 20.87 -10.76 -6.28
N SER A 86 19.99 -11.55 -6.86
CA SER A 86 20.20 -12.99 -6.96
C SER A 86 19.77 -13.47 -8.33
N ARG A 87 20.64 -14.26 -8.96
CA ARG A 87 20.37 -14.79 -10.28
C ARG A 87 20.20 -13.67 -11.29
N GLY A 88 20.91 -12.54 -11.11
CA GLY A 88 20.80 -11.44 -12.05
C GLY A 88 19.58 -10.54 -11.90
N LYS A 89 18.82 -10.75 -10.84
CA LYS A 89 17.63 -9.95 -10.61
C LYS A 89 17.49 -9.50 -9.17
N ALA A 90 16.73 -8.42 -8.99
CA ALA A 90 16.46 -7.95 -7.66
C ALA A 90 15.73 -9.03 -6.90
N ASN A 91 16.07 -9.16 -5.63
CA ASN A 91 15.48 -10.16 -4.76
C ASN A 91 14.91 -9.40 -3.57
N LEU A 92 13.60 -9.40 -3.39
CA LEU A 92 12.97 -8.63 -2.33
C LEU A 92 12.64 -9.43 -1.09
N THR A 93 13.27 -10.59 -0.94
CA THR A 93 12.96 -11.46 0.17
C THR A 93 13.07 -10.78 1.54
N LYS A 94 14.10 -9.99 1.76
CA LYS A 94 14.29 -9.33 3.05
C LYS A 94 13.09 -8.48 3.46
N TYR A 95 12.53 -7.76 2.49
CA TYR A 95 11.40 -6.89 2.74
C TYR A 95 10.10 -7.68 2.91
N ARG A 96 9.95 -8.79 2.19
CA ARG A 96 8.78 -9.63 2.36
C ARG A 96 8.79 -10.27 3.74
N GLU A 97 9.95 -10.71 4.22
CA GLU A 97 10.01 -11.32 5.53
C GLU A 97 9.79 -10.30 6.63
N ALA A 98 10.27 -9.08 6.43
CA ALA A 98 10.02 -8.01 7.40
C ALA A 98 8.53 -7.67 7.41
N SER A 99 7.90 -7.72 6.25
CA SER A 99 6.47 -7.48 6.14
C SER A 99 5.69 -8.50 6.96
N VAL A 100 6.09 -9.76 6.87
CA VAL A 100 5.44 -10.80 7.64
C VAL A 100 5.55 -10.52 9.13
N GLU A 101 6.71 -10.05 9.59
CA GLU A 101 6.89 -9.71 11.01
C GLU A 101 5.76 -8.77 11.45
N VAL A 102 5.53 -7.75 10.64
CA VAL A 102 4.55 -6.73 11.00
C VAL A 102 3.12 -7.24 10.90
N MET A 103 2.79 -7.92 9.82
CA MET A 103 1.45 -8.46 9.63
C MET A 103 1.06 -9.40 10.75
N GLU A 104 1.98 -10.25 11.19
CA GLU A 104 1.67 -11.19 12.25
C GLU A 104 1.34 -10.49 13.56
N ILE A 105 2.03 -9.38 13.86
CA ILE A 105 1.72 -8.60 15.04
C ILE A 105 0.33 -7.98 14.91
N MET A 106 0.05 -7.39 13.77
CA MET A 106 -1.26 -6.77 13.56
C MET A 106 -2.39 -7.78 13.67
N SER A 107 -2.18 -8.99 13.16
CA SER A 107 -3.20 -10.03 13.17
C SER A 107 -3.62 -10.42 14.59
N ARG A 108 -2.80 -10.11 15.60
CA ARG A 108 -3.15 -10.44 16.99
C ARG A 108 -4.32 -9.61 17.49
N PHE A 109 -4.41 -8.39 16.97
CA PHE A 109 -5.44 -7.45 17.42
C PHE A 109 -6.76 -7.65 16.68
N ALA A 110 -6.72 -7.92 15.37
CA ALA A 110 -7.96 -8.02 14.62
C ALA A 110 -7.74 -8.61 13.24
N VAL A 111 -8.85 -8.82 12.54
CA VAL A 111 -8.82 -9.29 11.20
C VAL A 111 -8.13 -8.25 10.32
N ILE A 112 -7.20 -8.64 9.46
CA ILE A 112 -6.53 -7.68 8.62
C ILE A 112 -6.55 -8.12 7.16
N GLU A 113 -6.42 -7.11 6.30
CA GLU A 113 -6.33 -7.32 4.88
C GLU A 113 -5.00 -6.80 4.39
N ARG A 114 -4.09 -7.68 3.97
CA ARG A 114 -2.81 -7.23 3.44
C ARG A 114 -3.09 -6.41 2.18
N ALA A 115 -2.66 -5.14 2.14
CA ALA A 115 -2.95 -4.28 0.98
C ALA A 115 -1.71 -4.00 0.14
N SER A 116 -0.55 -4.18 0.74
CA SER A 116 0.73 -3.99 0.04
C SER A 116 1.82 -4.64 0.87
N ILE A 117 3.06 -4.59 0.42
CA ILE A 117 4.14 -5.17 1.20
C ILE A 117 4.28 -4.43 2.54
N ASP A 118 3.84 -3.18 2.61
CA ASP A 118 4.01 -2.40 3.83
C ASP A 118 2.72 -1.86 4.47
N GLU A 119 1.54 -2.33 4.14
CA GLU A 119 0.34 -1.81 4.78
C GLU A 119 -0.80 -2.83 4.82
N ALA A 120 -1.64 -2.69 5.83
CA ALA A 120 -2.80 -3.54 5.95
C ALA A 120 -3.97 -2.78 6.53
N TYR A 121 -5.16 -3.17 6.13
CA TYR A 121 -6.36 -2.61 6.68
C TYR A 121 -6.74 -3.45 7.87
N VAL A 122 -7.37 -2.82 8.84
CA VAL A 122 -7.78 -3.48 10.06
C VAL A 122 -9.25 -3.19 10.32
N ASP A 123 -10.06 -4.21 10.53
CA ASP A 123 -11.46 -4.01 10.87
C ASP A 123 -11.57 -4.05 12.40
N LEU A 124 -11.73 -2.89 13.03
CA LEU A 124 -11.72 -2.82 14.51
C LEU A 124 -13.10 -2.71 15.12
N THR A 125 -14.14 -2.88 14.34
CA THR A 125 -15.48 -2.74 14.86
C THR A 125 -15.72 -3.59 16.09
N SER A 126 -15.41 -4.88 16.03
CA SER A 126 -15.63 -5.78 17.16
C SER A 126 -14.74 -5.47 18.35
N ALA A 127 -13.47 -5.19 18.08
CA ALA A 127 -12.52 -4.88 19.13
C ALA A 127 -12.96 -3.66 19.92
N VAL A 128 -13.50 -2.69 19.20
CA VAL A 128 -13.99 -1.47 19.81
C VAL A 128 -15.19 -1.78 20.71
N GLN A 129 -16.10 -2.62 20.24
CA GLN A 129 -17.26 -2.98 21.04
C GLN A 129 -16.80 -3.61 22.35
N GLU A 130 -15.85 -4.53 22.25
CA GLU A 130 -15.34 -5.20 23.44
C GLU A 130 -14.67 -4.22 24.40
N ARG A 131 -13.86 -3.30 23.87
CA ARG A 131 -13.16 -2.32 24.70
C ARG A 131 -14.15 -1.37 25.37
N LEU A 132 -15.19 -0.96 24.67
CA LEU A 132 -16.21 -0.07 25.23
C LEU A 132 -16.97 -0.75 26.38
N GLN A 133 -17.31 -2.02 26.17
CA GLN A 133 -17.98 -2.83 27.19
C GLN A 133 -17.07 -2.97 28.42
N LYS A 134 -15.77 -3.09 28.16
CA LYS A 134 -14.77 -3.22 29.23
C LYS A 134 -14.56 -1.94 30.03
N LEU A 135 -14.53 -0.81 29.31
CA LEU A 135 -14.38 0.55 29.88
C LEU A 135 -15.76 1.01 30.36
N GLN A 138 -16.33 5.66 31.82
CA GLN A 138 -14.88 5.80 31.86
C GLN A 138 -14.38 6.65 30.70
N PRO A 139 -13.99 7.89 31.00
CA PRO A 139 -13.48 8.84 30.03
C PRO A 139 -12.17 8.41 29.40
N ILE A 140 -11.94 8.89 28.20
CA ILE A 140 -10.70 8.59 27.51
C ILE A 140 -9.72 9.73 27.72
N SER A 141 -8.58 9.42 28.33
CA SER A 141 -7.55 10.42 28.59
C SER A 141 -6.72 10.70 27.34
N ALA A 142 -6.23 11.93 27.23
CA ALA A 142 -5.39 12.30 26.09
C ALA A 142 -4.12 11.45 26.10
N ASP A 143 -3.78 10.93 27.28
CA ASP A 143 -2.58 10.12 27.46
C ASP A 143 -2.67 8.78 26.71
N LEU A 144 -3.87 8.36 26.37
CA LEU A 144 -4.06 7.13 25.63
C LEU A 144 -3.84 7.37 24.15
N LEU A 145 -3.73 8.65 23.77
CA LEU A 145 -3.59 9.03 22.35
C LEU A 145 -2.42 10.00 22.18
N PRO A 146 -1.23 9.55 22.54
CA PRO A 146 0.03 10.31 22.48
C PRO A 146 0.49 10.71 21.07
N SER A 147 0.10 9.97 20.03
CA SER A 147 0.56 10.27 18.66
C SER A 147 -0.62 10.54 17.72
N THR A 148 -1.82 10.81 18.25
CA THR A 148 -3.03 10.98 17.40
C THR A 148 -3.37 12.43 17.06
N TYR A 149 -3.71 12.62 15.79
CA TYR A 149 -4.19 13.89 15.28
C TYR A 149 -5.66 13.75 14.99
N ILE A 150 -6.45 14.76 15.28
CA ILE A 150 -7.84 14.76 14.93
C ILE A 150 -7.99 15.66 13.72
N GLU A 151 -8.27 15.11 12.55
CA GLU A 151 -8.37 15.95 11.35
C GLU A 151 -9.44 17.01 11.49
N GLY A 152 -9.07 18.25 11.13
CA GLY A 152 -10.01 19.36 11.21
C GLY A 152 -9.91 20.20 12.46
N LEU A 153 -9.25 19.67 13.48
CA LEU A 153 -9.07 20.39 14.73
C LEU A 153 -7.61 20.69 14.97
N PRO A 154 -7.30 21.72 15.76
CA PRO A 154 -8.25 22.59 16.45
C PRO A 154 -8.88 23.61 15.52
N GLN A 155 -9.99 24.16 15.93
CA GLN A 155 -10.64 25.23 15.19
C GLN A 155 -11.09 26.29 16.21
N GLY A 156 -11.26 27.54 15.76
CA GLY A 156 -11.67 28.61 16.66
C GLY A 156 -10.49 29.54 16.90
N GLU A 162 1.22 28.13 22.12
CA GLU A 162 1.68 26.76 21.89
C GLU A 162 1.27 26.27 20.49
N THR A 163 0.25 26.93 19.89
CA THR A 163 -0.13 26.54 18.54
C THR A 163 0.96 27.01 17.53
N VAL A 164 1.99 27.79 17.87
CA VAL A 164 2.94 28.10 16.81
C VAL A 164 3.77 26.83 16.46
N GLN A 165 3.70 25.75 17.29
CA GLN A 165 4.46 24.52 17.00
C GLN A 165 3.52 23.34 16.76
N LYS A 166 3.94 22.38 15.94
CA LYS A 166 3.06 21.29 15.53
C LYS A 166 2.54 20.41 16.67
N GLU A 167 3.33 20.10 17.69
CA GLU A 167 2.83 19.26 18.77
C GLU A 167 1.79 20.01 19.60
N GLY A 168 1.94 21.33 19.68
CA GLY A 168 1.00 22.15 20.42
C GLY A 168 -0.35 22.12 19.69
N MET A 169 -0.29 22.21 18.36
CA MET A 169 -1.47 22.15 17.52
C MET A 169 -2.15 20.79 17.68
N ARG A 170 -1.35 19.72 17.69
CA ARG A 170 -1.90 18.38 17.82
C ARG A 170 -2.66 18.22 19.12
N LYS A 171 -2.05 18.66 20.22
CA LYS A 171 -2.68 18.55 21.55
C LYS A 171 -3.95 19.37 21.64
N GLN A 172 -3.94 20.60 21.13
CA GLN A 172 -5.14 21.43 21.20
C GLN A 172 -6.28 20.78 20.43
N GLY A 173 -5.97 20.20 19.28
CA GLY A 173 -7.03 19.56 18.51
C GLY A 173 -7.57 18.37 19.29
N LEU A 174 -6.66 17.56 19.83
CA LEU A 174 -7.06 16.40 20.59
C LEU A 174 -7.89 16.79 21.80
N PHE A 175 -7.51 17.86 22.49
CA PHE A 175 -8.26 18.33 23.65
C PHE A 175 -9.67 18.75 23.26
N GLN A 176 -9.82 19.52 22.19
CA GLN A 176 -11.14 19.94 21.77
C GLN A 176 -12.01 18.73 21.47
N TRP A 177 -11.42 17.74 20.81
CA TRP A 177 -12.12 16.52 20.46
C TRP A 177 -12.58 15.75 21.70
N LEU A 178 -11.66 15.52 22.62
CA LEU A 178 -11.96 14.78 23.83
C LEU A 178 -12.91 15.51 24.75
N ASP A 179 -12.76 16.83 24.86
CA ASP A 179 -13.65 17.61 25.70
C ASP A 179 -15.08 17.47 25.22
N SER A 180 -15.23 17.36 23.91
CA SER A 180 -16.55 17.22 23.28
C SER A 180 -17.11 15.81 23.35
N LEU A 181 -16.29 14.80 23.52
N LEU A 181 -16.26 14.77 23.35
CA LEU A 181 -16.76 13.45 23.41
CA LEU A 181 -16.75 13.39 23.52
C LEU A 181 -17.84 13.04 24.41
C LEU A 181 -17.45 13.30 24.89
N GLN A 182 -18.90 12.44 23.86
N GLN A 182 -16.62 13.75 25.83
CA GLN A 182 -19.99 11.92 24.68
CA GLN A 182 -16.93 13.73 27.26
C GLN A 182 -19.74 10.45 24.97
C GLN A 182 -18.21 14.48 27.58
N ILE A 183 -19.25 10.15 26.15
N ILE A 183 -18.36 15.59 26.89
CA ILE A 183 -18.87 8.79 26.49
CA ILE A 183 -19.49 16.47 27.07
C ILE A 183 -20.01 7.98 27.08
C ILE A 183 -20.78 15.86 26.51
N ASP A 184 -21.11 8.65 27.40
N ASP A 184 -20.68 14.78 25.74
CA ASP A 184 -22.25 7.96 27.99
CA ASP A 184 -21.88 14.20 25.14
C ASP A 184 -22.90 7.01 26.99
C ASP A 184 -22.17 14.93 23.82
N ASN A 185 -22.88 7.33 25.70
N ASN A 185 -21.27 15.82 23.39
CA ASN A 185 -23.52 6.50 24.69
CA ASN A 185 -21.50 16.63 22.17
C ASN A 185 -22.51 5.60 23.98
C ASN A 185 -21.23 15.85 20.87
N LEU A 186 -22.74 4.29 24.10
N LEU A 186 -20.51 14.73 20.93
CA LEU A 186 -21.86 3.31 23.50
CA LEU A 186 -20.26 13.95 19.72
C LEU A 186 -22.01 3.23 21.98
C LEU A 186 -21.22 12.76 19.58
N THR A 187 -23.07 3.83 21.41
N THR A 187 -20.95 11.93 18.60
CA THR A 187 -23.29 3.76 19.97
CA THR A 187 -21.82 10.80 18.28
C THR A 187 -22.79 5.01 19.24
C THR A 187 -21.28 9.49 18.82
N SER A 188 -22.18 5.99 19.90
N SER A 188 -22.11 8.46 18.77
CA SER A 188 -21.68 7.13 19.18
CA SER A 188 -21.68 7.13 19.18
C SER A 188 -20.54 6.73 18.25
C SER A 188 -20.53 6.72 18.26
N PRO A 189 -20.67 7.05 16.96
CA PRO A 189 -19.68 6.74 15.96
C PRO A 189 -18.35 7.42 16.30
N ASP A 190 -18.42 8.67 16.76
CA ASP A 190 -17.21 9.42 17.12
C ASP A 190 -16.47 8.74 18.27
N LEU A 191 -17.25 8.23 19.22
CA LEU A 191 -16.67 7.52 20.34
C LEU A 191 -16.04 6.22 19.85
N GLN A 192 -16.69 5.51 18.93
CA GLN A 192 -16.15 4.27 18.42
C GLN A 192 -14.83 4.51 17.69
N LEU A 193 -14.76 5.59 16.95
CA LEU A 193 -13.51 5.94 16.26
C LEU A 193 -12.40 6.22 17.27
N THR A 194 -12.74 6.93 18.34
CA THR A 194 -11.78 7.29 19.37
C THR A 194 -11.21 6.06 20.04
N VAL A 195 -12.07 5.11 20.39
CA VAL A 195 -11.63 3.85 20.98
C VAL A 195 -10.79 3.10 19.95
N GLY A 196 -11.21 3.17 18.70
CA GLY A 196 -10.46 2.56 17.63
C GLY A 196 -9.04 3.15 17.60
N ALA A 197 -8.93 4.47 17.77
CA ALA A 197 -7.62 5.13 17.75
C ALA A 197 -6.75 4.70 18.92
N VAL A 198 -7.38 4.44 20.08
CA VAL A 198 -6.64 3.96 21.25
C VAL A 198 -6.03 2.61 20.92
N ILE A 199 -6.83 1.71 20.34
CA ILE A 199 -6.34 0.39 19.97
C ILE A 199 -5.21 0.49 18.94
N VAL A 200 -5.35 1.38 17.96
CA VAL A 200 -4.31 1.55 16.96
C VAL A 200 -3.03 2.06 17.59
N GLU A 201 -3.12 2.92 18.61
CA GLU A 201 -1.93 3.38 19.32
C GLU A 201 -1.21 2.16 19.89
N GLU A 202 -1.99 1.25 20.50
CA GLU A 202 -1.47 0.02 21.09
C GLU A 202 -0.85 -0.89 20.04
N MET A 203 -1.50 -0.99 18.88
CA MET A 203 -0.99 -1.81 17.78
C MET A 203 0.35 -1.24 17.28
N ARG A 204 0.40 0.06 17.06
CA ARG A 204 1.60 0.71 16.57
C ARG A 204 2.76 0.62 17.59
N ALA A 205 2.43 0.69 18.87
CA ALA A 205 3.42 0.52 19.91
C ALA A 205 3.99 -0.89 19.87
N ALA A 206 3.12 -1.89 19.70
CA ALA A 206 3.55 -3.29 19.60
C ALA A 206 4.44 -3.51 18.38
N ILE A 207 4.11 -2.89 17.25
CA ILE A 207 4.92 -3.03 16.07
C ILE A 207 6.31 -2.45 16.29
N GLU A 208 6.38 -1.25 16.85
CA GLU A 208 7.68 -0.65 17.09
C GLU A 208 8.49 -1.43 18.11
N ARG A 209 7.83 -1.87 19.18
CA ARG A 209 8.51 -2.63 20.23
C ARG A 209 9.07 -3.95 19.73
N GLU A 210 8.29 -4.67 18.94
CA GLU A 210 8.67 -5.99 18.52
C GLU A 210 9.44 -6.06 17.21
N THR A 211 9.48 -5.01 16.43
CA THR A 211 10.20 -5.05 15.17
C THR A 211 11.24 -3.95 15.03
N GLY A 212 11.02 -2.85 15.74
CA GLY A 212 11.88 -1.71 15.67
C GLY A 212 11.41 -0.73 14.58
N PHE A 213 10.37 -1.10 13.82
CA PHE A 213 9.87 -0.26 12.73
C PHE A 213 8.79 0.72 13.19
N GLN A 214 8.83 1.93 12.65
CA GLN A 214 7.80 2.93 12.94
C GLN A 214 6.80 2.96 11.79
N CYS A 215 5.57 3.33 12.09
CA CYS A 215 4.54 3.41 11.08
C CYS A 215 3.55 4.52 11.39
N SER A 216 2.70 4.78 10.44
CA SER A 216 1.65 5.74 10.61
C SER A 216 0.32 5.04 10.42
N ALA A 217 -0.80 5.65 10.78
CA ALA A 217 -2.08 4.99 10.61
C ALA A 217 -3.18 6.00 10.42
N GLY A 218 -4.24 5.53 9.78
CA GLY A 218 -5.42 6.33 9.63
C GLY A 218 -6.55 5.55 10.27
N ILE A 219 -7.42 6.25 10.98
CA ILE A 219 -8.60 5.63 11.58
C ILE A 219 -9.85 6.36 11.11
N SER A 220 -10.77 5.62 10.49
CA SER A 220 -12.02 6.20 10.01
C SER A 220 -13.10 5.12 9.89
N HIS A 221 -14.18 5.40 9.17
CA HIS A 221 -15.29 4.44 9.07
C HIS A 221 -15.19 3.53 7.84
N ASN A 222 -14.21 3.73 6.96
CA ASN A 222 -14.06 2.88 5.79
C ASN A 222 -12.61 2.91 5.30
N LYS A 223 -12.30 2.04 4.35
CA LYS A 223 -10.92 1.89 3.85
C LYS A 223 -10.37 3.13 3.14
N VAL A 224 -11.17 3.74 2.27
CA VAL A 224 -10.72 4.92 1.55
C VAL A 224 -10.37 6.07 2.49
N LEU A 225 -11.21 6.36 3.48
CA LEU A 225 -10.93 7.43 4.43
C LEU A 225 -9.76 7.08 5.35
N ALA A 226 -9.65 5.80 5.73
CA ALA A 226 -8.55 5.38 6.57
C ALA A 226 -7.23 5.56 5.84
N LYS A 227 -7.21 5.21 4.56
CA LYS A 227 -6.00 5.36 3.76
C LYS A 227 -5.63 6.82 3.59
N LEU A 228 -6.61 7.63 3.29
CA LEU A 228 -6.38 9.05 3.14
C LEU A 228 -5.85 9.63 4.44
N ALA A 229 -6.49 9.27 5.55
CA ALA A 229 -6.11 9.77 6.87
C ALA A 229 -4.66 9.43 7.22
N CYS A 230 -4.23 8.24 6.84
CA CYS A 230 -2.89 7.77 7.16
C CYS A 230 -1.80 8.72 6.66
N GLY A 231 -1.94 9.19 5.43
CA GLY A 231 -0.95 10.08 4.87
C GLY A 231 -0.95 11.51 5.36
N LEU A 232 -1.98 11.92 6.09
CA LEU A 232 -2.11 13.30 6.52
C LEU A 232 -1.03 13.74 7.50
N ASN A 233 -0.52 12.85 8.35
CA ASN A 233 0.48 13.27 9.33
C ASN A 233 1.71 12.35 9.42
N LYS A 234 2.09 11.68 8.33
CA LYS A 234 3.32 10.91 8.33
C LYS A 234 4.50 11.85 8.57
N PRO A 235 5.57 11.35 9.21
CA PRO A 235 5.73 9.99 9.71
C PRO A 235 5.43 9.83 11.21
N ASN A 236 5.37 8.56 11.61
CA ASN A 236 5.23 8.18 13.02
C ASN A 236 4.07 8.84 13.77
N ARG A 237 2.94 9.02 13.09
CA ARG A 237 1.76 9.59 13.73
C ARG A 237 0.52 8.90 13.16
N GLN A 238 -0.61 9.00 13.85
CA GLN A 238 -1.85 8.46 13.34
C GLN A 238 -2.91 9.54 13.34
N THR A 239 -3.86 9.43 12.43
CA THR A 239 -4.86 10.49 12.25
C THR A 239 -6.25 9.91 12.22
N LEU A 240 -7.14 10.54 12.96
CA LEU A 240 -8.53 10.13 13.03
C LEU A 240 -9.37 11.03 12.12
N VAL A 241 -10.05 10.46 11.14
CA VAL A 241 -10.92 11.21 10.26
C VAL A 241 -12.37 10.83 10.54
N SER A 242 -13.11 11.74 11.19
CA SER A 242 -14.49 11.49 11.55
C SER A 242 -15.41 11.75 10.37
N HIS A 243 -16.63 11.25 10.44
CA HIS A 243 -17.60 11.50 9.40
C HIS A 243 -17.81 13.00 9.26
N GLY A 244 -17.83 13.70 10.38
CA GLY A 244 -18.04 15.14 10.38
C GLY A 244 -16.95 15.96 9.73
N SER A 245 -15.72 15.46 9.73
CA SER A 245 -14.59 16.17 9.15
C SER A 245 -14.59 16.12 7.63
N VAL A 246 -15.41 15.28 7.02
CA VAL A 246 -15.37 15.06 5.56
C VAL A 246 -15.70 16.27 4.70
N PRO A 247 -16.79 16.98 4.97
CA PRO A 247 -17.07 18.11 4.09
C PRO A 247 -15.91 19.09 3.97
N GLN A 248 -15.32 19.53 5.06
CA GLN A 248 -14.24 20.48 4.96
C GLN A 248 -12.99 19.83 4.39
N LEU A 249 -12.72 18.57 4.74
CA LEU A 249 -11.55 17.88 4.21
C LEU A 249 -11.66 17.70 2.69
N PHE A 250 -12.83 17.32 2.21
CA PHE A 250 -13.02 17.09 0.79
C PHE A 250 -13.17 18.40 -0.01
N SER A 251 -13.46 19.52 0.66
CA SER A 251 -13.69 20.80 -0.04
C SER A 251 -12.49 21.27 -0.86
N GLN A 252 -11.28 20.93 -0.44
CA GLN A 252 -10.06 21.31 -1.16
C GLN A 252 -9.17 20.11 -1.48
N MET A 253 -9.76 18.91 -1.48
CA MET A 253 -9.02 17.67 -1.74
C MET A 253 -9.04 17.32 -3.22
N PRO A 254 -7.87 17.35 -3.88
CA PRO A 254 -7.85 17.00 -5.30
C PRO A 254 -8.38 15.59 -5.50
N ILE A 255 -9.22 15.41 -6.51
CA ILE A 255 -9.81 14.11 -6.78
C ILE A 255 -8.77 12.99 -6.88
N ARG A 256 -7.60 13.29 -7.42
CA ARG A 256 -6.57 12.27 -7.62
C ARG A 256 -6.03 11.68 -6.33
N LYS A 257 -6.30 12.32 -5.19
CA LYS A 257 -5.78 11.87 -3.89
C LYS A 257 -6.57 10.70 -3.32
N ILE A 258 -7.80 10.48 -3.79
CA ILE A 258 -8.64 9.39 -3.29
C ILE A 258 -8.26 8.07 -3.95
N ARG A 259 -8.18 6.98 -3.19
CA ARG A 259 -7.79 5.72 -3.76
C ARG A 259 -8.71 5.26 -4.88
N SER A 260 -8.03 4.89 -5.98
CA SER A 260 -8.67 4.40 -7.20
C SER A 260 -8.97 5.53 -8.17
N LEU A 261 -8.76 6.78 -7.77
CA LEU A 261 -9.02 7.92 -8.65
C LEU A 261 -7.74 8.59 -9.13
N GLY A 262 -6.61 7.96 -8.86
CA GLY A 262 -5.35 8.53 -9.28
C GLY A 262 -4.98 8.32 -10.74
N GLY A 263 -5.82 7.64 -11.50
CA GLY A 263 -5.53 7.37 -12.89
C GLY A 263 -6.49 7.98 -13.90
N LYS A 264 -6.79 7.21 -14.94
CA LYS A 264 -7.69 7.64 -16.01
C LYS A 264 -9.09 8.01 -15.54
N LEU A 265 -9.70 7.21 -14.67
CA LEU A 265 -11.03 7.52 -14.18
C LEU A 265 -11.06 8.88 -13.51
N GLY A 266 -10.08 9.10 -12.64
CA GLY A 266 -9.97 10.35 -11.92
C GLY A 266 -9.83 11.52 -12.87
N ALA A 267 -9.01 11.35 -13.90
CA ALA A 267 -8.82 12.39 -14.89
C ALA A 267 -10.13 12.69 -15.62
N SER A 268 -10.88 11.63 -15.94
CA SER A 268 -12.15 11.79 -16.63
C SER A 268 -13.16 12.51 -15.76
N VAL A 269 -13.18 12.19 -14.48
CA VAL A 269 -14.09 12.85 -13.57
C VAL A 269 -13.88 14.36 -13.62
N ILE A 270 -12.61 14.74 -13.59
CA ILE A 270 -12.22 16.15 -13.62
C ILE A 270 -12.60 16.80 -14.97
N GLU A 271 -12.23 16.13 -16.05
CA GLU A 271 -12.46 16.65 -17.40
C GLU A 271 -13.95 16.72 -17.76
N ILE A 272 -14.66 15.63 -17.53
CA ILE A 272 -16.05 15.57 -17.92
C ILE A 272 -16.94 16.47 -17.07
N LEU A 273 -16.71 16.53 -15.76
CA LEU A 273 -17.55 17.34 -14.89
C LEU A 273 -17.03 18.74 -14.69
N GLY A 274 -15.77 18.98 -15.03
CA GLY A 274 -15.23 20.31 -14.89
C GLY A 274 -15.03 20.72 -13.45
N ILE A 275 -14.59 19.78 -12.62
CA ILE A 275 -14.36 20.04 -11.20
C ILE A 275 -12.92 19.67 -10.81
N GLU A 276 -12.48 20.06 -9.61
CA GLU A 276 -11.11 19.77 -9.16
C GLU A 276 -11.08 19.03 -7.82
N TYR A 277 -12.09 19.22 -6.98
CA TYR A 277 -12.05 18.67 -5.64
C TYR A 277 -13.11 17.61 -5.38
N MET A 278 -12.79 16.70 -4.48
CA MET A 278 -13.68 15.60 -4.18
C MET A 278 -15.06 16.06 -3.72
N GLY A 279 -15.10 17.11 -2.91
CA GLY A 279 -16.38 17.61 -2.43
C GLY A 279 -17.33 18.10 -3.50
N GLU A 280 -16.79 18.60 -4.60
CA GLU A 280 -17.64 19.11 -5.67
C GLU A 280 -18.51 18.01 -6.27
N LEU A 281 -18.19 16.76 -6.02
CA LEU A 281 -18.96 15.67 -6.55
C LEU A 281 -20.36 15.60 -5.95
N THR A 282 -20.57 16.24 -4.81
CA THR A 282 -21.86 16.18 -4.15
C THR A 282 -22.97 16.85 -4.97
N GLN A 283 -22.61 17.69 -5.92
CA GLN A 283 -23.63 18.41 -6.69
C GLN A 283 -24.32 17.57 -7.73
N PHE A 284 -23.80 16.40 -8.01
CA PHE A 284 -24.37 15.56 -9.04
C PHE A 284 -25.25 14.45 -8.50
N THR A 285 -26.27 14.06 -9.24
CA THR A 285 -27.14 12.98 -8.78
C THR A 285 -26.44 11.65 -9.04
N GLU A 286 -26.87 10.60 -8.36
CA GLU A 286 -26.28 9.30 -8.56
C GLU A 286 -26.40 8.87 -10.02
N SER A 287 -27.59 9.08 -10.60
CA SER A 287 -27.82 8.72 -12.00
C SER A 287 -26.91 9.49 -12.95
N GLN A 288 -26.63 10.74 -12.64
CA GLN A 288 -25.74 11.54 -13.46
C GLN A 288 -24.34 10.93 -13.42
N LEU A 289 -23.86 10.57 -12.25
CA LEU A 289 -22.55 10.00 -12.14
C LEU A 289 -22.47 8.65 -12.80
N GLN A 290 -23.52 7.86 -12.70
CA GLN A 290 -23.54 6.57 -13.34
C GLN A 290 -23.54 6.70 -14.85
N SER A 291 -24.19 7.73 -15.38
CA SER A 291 -24.24 7.92 -16.81
C SER A 291 -22.85 8.18 -17.39
N HIS A 292 -22.05 8.97 -16.70
CA HIS A 292 -20.71 9.28 -17.18
C HIS A 292 -19.70 8.19 -16.91
N PHE A 293 -19.78 7.56 -15.76
CA PHE A 293 -18.72 6.66 -15.33
C PHE A 293 -19.12 5.20 -15.14
N GLY A 294 -20.35 4.85 -15.45
CA GLY A 294 -20.78 3.48 -15.28
C GLY A 294 -21.54 3.33 -13.98
N GLU A 295 -22.35 2.29 -13.93
CA GLU A 295 -23.18 2.00 -12.80
C GLU A 295 -22.40 1.86 -11.49
N LYS A 296 -21.37 1.04 -11.52
CA LYS A 296 -20.60 0.76 -10.33
C LYS A 296 -19.76 1.97 -9.90
N ASN A 297 -19.05 2.60 -10.83
CA ASN A 297 -18.25 3.77 -10.49
C ASN A 297 -19.12 4.93 -10.03
N GLY A 298 -20.26 5.08 -10.71
CA GLY A 298 -21.18 6.16 -10.38
C GLY A 298 -21.74 6.06 -8.98
N SER A 299 -22.17 4.86 -8.58
CA SER A 299 -22.69 4.65 -7.24
C SER A 299 -21.60 4.85 -6.20
N TRP A 300 -20.41 4.36 -6.52
CA TRP A 300 -19.28 4.47 -5.64
C TRP A 300 -18.90 5.94 -5.41
N LEU A 301 -18.86 6.72 -6.50
CA LEU A 301 -18.52 8.14 -6.41
C LEU A 301 -19.59 8.92 -5.63
N TYR A 302 -20.84 8.60 -5.85
CA TYR A 302 -21.92 9.27 -5.18
C TYR A 302 -21.81 9.13 -3.66
N ALA A 303 -21.57 7.92 -3.20
CA ALA A 303 -21.40 7.67 -1.77
C ALA A 303 -20.03 8.17 -1.28
N MET A 304 -18.98 7.98 -2.05
CA MET A 304 -17.64 8.33 -1.57
C MET A 304 -17.46 9.82 -1.29
N CYS A 305 -18.02 10.67 -2.12
CA CYS A 305 -17.84 12.10 -1.94
C CYS A 305 -18.56 12.59 -0.70
N ARG A 306 -19.40 11.72 -0.15
CA ARG A 306 -20.12 11.98 1.08
C ARG A 306 -19.44 11.26 2.26
N GLY A 307 -18.29 10.64 1.99
CA GLY A 307 -17.53 9.94 3.01
C GLY A 307 -18.00 8.53 3.31
N ILE A 308 -18.81 7.98 2.41
CA ILE A 308 -19.39 6.64 2.59
C ILE A 308 -18.83 5.65 1.59
N GLU A 309 -18.40 4.51 2.12
CA GLU A 309 -17.88 3.43 1.32
C GLU A 309 -18.16 2.10 2.02
N HIS A 310 -18.47 1.04 1.30
CA HIS A 310 -18.81 -0.18 1.96
C HIS A 310 -17.85 -1.33 1.67
N ASP A 311 -16.80 -1.11 0.89
CA ASP A 311 -15.86 -2.16 0.61
C ASP A 311 -15.38 -2.80 1.91
N PRO A 312 -15.56 -4.12 2.06
CA PRO A 312 -15.15 -4.79 3.30
C PRO A 312 -13.63 -4.99 3.44
N VAL A 313 -13.21 -5.06 4.69
CA VAL A 313 -11.87 -5.44 5.00
C VAL A 313 -11.84 -6.95 4.82
N LYS A 314 -11.21 -7.44 3.77
CA LYS A 314 -11.21 -8.87 3.51
C LYS A 314 -10.24 -9.60 4.44
N PRO A 315 -10.67 -10.76 4.92
CA PRO A 315 -9.83 -11.55 5.80
C PRO A 315 -8.76 -12.28 5.02
N ARG A 316 -7.71 -11.54 4.66
CA ARG A 316 -6.62 -12.11 3.88
C ARG A 316 -5.29 -11.48 4.25
N GLN A 317 -4.36 -12.22 4.83
CA GLN A 317 -3.08 -11.62 5.15
C GLN A 317 -1.94 -12.23 4.32
N LEU A 318 -2.26 -13.21 3.47
CA LEU A 318 -1.29 -13.81 2.57
C LEU A 318 -1.57 -13.41 1.13
N PRO A 319 -0.52 -13.21 0.32
CA PRO A 319 -0.73 -12.84 -1.09
C PRO A 319 -1.44 -13.98 -1.83
N LYS A 320 -2.24 -13.65 -2.86
CA LYS A 320 -2.99 -14.67 -3.63
C LYS A 320 -2.17 -15.18 -4.81
N THR A 321 -1.10 -14.48 -5.12
CA THR A 321 -0.22 -14.87 -6.21
C THR A 321 1.22 -14.69 -5.77
N ILE A 322 2.12 -15.41 -6.40
CA ILE A 322 3.54 -15.29 -6.13
C ILE A 322 4.24 -15.17 -7.47
N GLY A 323 4.82 -14.01 -7.73
CA GLY A 323 5.46 -13.79 -9.02
C GLY A 323 6.85 -13.20 -9.00
N CYS A 324 7.51 -13.41 -10.14
CA CYS A 324 8.88 -12.93 -10.38
C CYS A 324 8.93 -12.22 -11.72
N SER A 325 9.54 -11.05 -11.82
CA SER A 325 9.56 -10.31 -13.06
C SER A 325 10.85 -9.53 -13.26
N LYS A 326 11.23 -9.35 -14.52
CA LYS A 326 12.42 -8.58 -14.88
C LYS A 326 12.30 -7.86 -16.22
N ASN A 327 12.70 -6.59 -16.20
CA ASN A 327 12.78 -5.78 -17.41
C ASN A 327 14.14 -5.96 -18.08
N PHE A 328 14.14 -5.90 -19.41
CA PHE A 328 15.36 -5.98 -20.24
C PHE A 328 15.25 -4.83 -21.23
N PRO A 329 15.51 -3.63 -20.73
CA PRO A 329 15.42 -2.34 -21.42
C PRO A 329 16.38 -2.09 -22.57
N GLY A 330 15.86 -1.28 -23.48
CA GLY A 330 16.63 -0.83 -24.62
C GLY A 330 17.41 -1.87 -25.36
N LYS A 331 18.71 -1.61 -25.41
CA LYS A 331 19.64 -2.47 -26.13
C LYS A 331 19.74 -3.88 -25.55
N THR A 332 19.40 -4.05 -24.28
CA THR A 332 19.54 -5.35 -23.61
C THR A 332 18.36 -6.28 -23.84
N ALA A 333 17.36 -5.87 -24.62
CA ALA A 333 16.20 -6.73 -24.87
C ALA A 333 16.66 -8.09 -25.40
N LEU A 334 16.05 -9.15 -24.86
CA LEU A 334 16.42 -10.50 -25.24
C LEU A 334 16.10 -10.74 -26.71
N ALA A 335 17.14 -11.20 -27.40
CA ALA A 335 17.07 -11.35 -28.84
C ALA A 335 17.43 -12.75 -29.32
N THR A 336 17.74 -13.66 -28.42
CA THR A 336 18.05 -15.01 -28.82
C THR A 336 17.26 -16.01 -27.98
N ARG A 337 16.91 -17.12 -28.62
CA ARG A 337 16.13 -18.17 -27.96
C ARG A 337 16.82 -18.67 -26.69
N GLU A 338 18.12 -18.90 -26.75
CA GLU A 338 18.85 -19.37 -25.59
C GLU A 338 18.84 -18.32 -24.48
N GLN A 339 18.87 -17.07 -24.90
CA GLN A 339 18.82 -15.96 -23.96
C GLN A 339 17.49 -15.93 -23.22
N VAL A 340 16.40 -16.12 -23.95
CA VAL A 340 15.08 -16.15 -23.35
C VAL A 340 14.97 -17.33 -22.39
N GLN A 341 15.48 -18.49 -22.79
CA GLN A 341 15.39 -19.68 -21.95
C GLN A 341 16.22 -19.55 -20.68
N TRP A 342 17.40 -18.93 -20.76
CA TRP A 342 18.23 -18.77 -19.59
C TRP A 342 17.55 -17.88 -18.56
N TRP A 343 16.95 -16.76 -18.97
CA TRP A 343 16.28 -15.88 -18.05
C TRP A 343 15.01 -16.49 -17.48
N LEU A 344 14.29 -17.27 -18.28
CA LEU A 344 13.08 -17.91 -17.77
C LEU A 344 13.46 -18.86 -16.66
N LEU A 345 14.64 -19.44 -16.78
CA LEU A 345 15.15 -20.35 -15.79
C LEU A 345 15.53 -19.61 -14.51
N GLN A 346 16.12 -18.42 -14.59
CA GLN A 346 16.45 -17.68 -13.40
C GLN A 346 15.19 -17.32 -12.64
N LEU A 347 14.19 -16.82 -13.37
CA LEU A 347 12.89 -16.46 -12.77
C LEU A 347 12.23 -17.67 -12.14
N ALA A 348 12.27 -18.79 -12.87
CA ALA A 348 11.68 -20.05 -12.41
C ALA A 348 12.33 -20.57 -11.14
N GLN A 349 13.64 -20.40 -11.02
CA GLN A 349 14.34 -20.85 -9.84
C GLN A 349 13.98 -20.01 -8.62
N GLU A 350 13.85 -18.69 -8.79
CA GLU A 350 13.46 -17.86 -7.68
C GLU A 350 12.06 -18.22 -7.25
N LEU A 351 11.19 -18.39 -8.25
CA LEU A 351 9.80 -18.75 -7.99
C LEU A 351 9.70 -20.07 -7.25
N GLU A 352 10.50 -21.05 -7.67
CA GLU A 352 10.49 -22.34 -7.02
C GLU A 352 10.83 -22.22 -5.53
N GLU A 353 11.87 -21.46 -5.20
CA GLU A 353 12.26 -21.27 -3.81
C GLU A 353 11.13 -20.64 -3.00
N ARG A 354 10.52 -19.63 -3.57
CA ARG A 354 9.45 -18.96 -2.91
C ARG A 354 8.21 -19.81 -2.75
N LEU A 355 7.93 -20.63 -3.75
CA LEU A 355 6.78 -21.52 -3.71
C LEU A 355 6.97 -22.63 -2.69
N THR A 356 8.16 -23.20 -2.65
CA THR A 356 8.43 -24.28 -1.72
C THR A 356 8.28 -23.79 -0.29
N LYS A 357 8.81 -22.61 0.00
CA LYS A 357 8.68 -22.06 1.33
C LYS A 357 7.21 -21.78 1.66
N ASP A 358 6.47 -21.26 0.68
CA ASP A 358 5.06 -20.94 0.86
C ASP A 358 4.24 -22.17 1.19
N ARG A 359 4.53 -23.28 0.50
CA ARG A 359 3.83 -24.52 0.73
C ARG A 359 4.08 -25.03 2.15
N ASN A 360 5.31 -24.90 2.63
CA ASN A 360 5.64 -25.33 3.98
C ASN A 360 5.01 -24.42 5.04
N ASP A 361 5.07 -23.11 4.83
CA ASP A 361 4.53 -22.16 5.79
C ASP A 361 3.02 -22.08 5.80
N ASN A 362 2.40 -22.13 4.63
CA ASN A 362 0.99 -21.82 4.56
C ASN A 362 0.05 -22.93 4.12
N ASP A 363 0.51 -24.16 4.04
CA ASP A 363 -0.36 -25.29 3.72
C ASP A 363 -1.17 -25.11 2.44
N ARG A 364 -0.51 -24.71 1.37
CA ARG A 364 -1.17 -24.54 0.10
C ARG A 364 -0.19 -24.74 -1.03
N VAL A 365 -0.74 -25.02 -2.20
CA VAL A 365 0.07 -25.18 -3.40
C VAL A 365 -0.57 -24.43 -4.56
N ALA A 366 0.26 -23.78 -5.36
CA ALA A 366 -0.23 -23.11 -6.52
C ALA A 366 -0.53 -24.15 -7.60
N THR A 367 -1.54 -23.92 -8.42
CA THR A 367 -1.92 -24.90 -9.42
C THR A 367 -1.85 -24.32 -10.84
N GLN A 368 -1.57 -23.04 -10.98
CA GLN A 368 -1.48 -22.44 -12.30
C GLN A 368 -0.25 -21.57 -12.43
N LEU A 369 0.34 -21.59 -13.61
CA LEU A 369 1.48 -20.75 -13.90
C LEU A 369 1.11 -19.78 -15.00
N VAL A 370 1.28 -18.50 -14.77
CA VAL A 370 1.00 -17.51 -15.77
C VAL A 370 2.31 -16.95 -16.30
N VAL A 371 2.47 -16.87 -17.61
CA VAL A 371 3.68 -16.29 -18.20
C VAL A 371 3.29 -15.04 -18.97
N SER A 372 4.00 -13.97 -18.70
CA SER A 372 3.72 -12.72 -19.36
C SER A 372 5.01 -12.14 -19.93
N ILE A 373 4.90 -11.40 -21.03
CA ILE A 373 6.05 -10.79 -21.64
C ILE A 373 5.70 -9.44 -22.26
N ARG A 374 6.73 -8.61 -22.43
CA ARG A 374 6.60 -7.34 -23.14
C ARG A 374 7.52 -7.37 -24.34
N VAL A 375 7.01 -6.95 -25.47
CA VAL A 375 7.78 -6.91 -26.67
C VAL A 375 8.32 -5.51 -26.90
N GLN A 376 9.51 -5.41 -27.45
CA GLN A 376 10.08 -4.12 -27.65
C GLN A 376 9.17 -3.27 -28.50
N GLY A 377 8.98 -2.03 -28.07
CA GLY A 377 8.12 -1.09 -28.78
C GLY A 377 6.75 -0.92 -28.16
N ASP A 378 6.40 -1.84 -27.27
CA ASP A 378 5.11 -1.81 -26.58
C ASP A 378 5.27 -1.15 -25.21
N LYS A 379 4.48 -0.12 -24.91
CA LYS A 379 4.63 0.57 -23.64
C LYS A 379 3.70 -0.02 -22.57
N ARG A 380 2.93 -1.05 -22.91
CA ARG A 380 2.05 -1.70 -21.95
C ARG A 380 2.87 -2.49 -20.94
N LEU A 381 2.31 -2.66 -19.75
CA LEU A 381 2.96 -3.44 -18.72
C LEU A 381 3.16 -4.86 -19.24
N SER A 382 2.15 -5.37 -19.94
CA SER A 382 2.22 -6.71 -20.54
C SER A 382 1.78 -6.68 -22.00
N SER A 383 2.53 -7.41 -22.84
CA SER A 383 2.20 -7.50 -24.28
C SER A 383 1.36 -8.74 -24.54
N LEU A 384 1.68 -9.83 -23.84
CA LEU A 384 0.97 -11.10 -24.01
C LEU A 384 1.01 -11.92 -22.72
N ARG A 385 -0.07 -12.63 -22.47
CA ARG A 385 -0.21 -13.43 -21.26
C ARG A 385 -0.69 -14.82 -21.64
N ARG A 386 -0.03 -15.86 -21.15
CA ARG A 386 -0.45 -17.24 -21.41
C ARG A 386 -0.32 -18.05 -20.13
N CYS A 387 -1.09 -19.13 -19.99
CA CYS A 387 -0.99 -19.91 -18.78
C CYS A 387 -0.90 -21.40 -19.05
N CYS A 388 -0.40 -22.12 -18.06
CA CYS A 388 -0.32 -23.58 -18.15
C CYS A 388 -0.44 -24.17 -16.75
N ALA A 389 -0.69 -25.47 -16.65
CA ALA A 389 -0.83 -26.09 -15.36
C ALA A 389 0.48 -26.11 -14.60
N LEU A 390 0.42 -25.80 -13.31
CA LEU A 390 1.58 -25.89 -12.44
C LEU A 390 1.39 -27.15 -11.61
N THR A 391 2.00 -28.25 -12.04
CA THR A 391 1.81 -29.52 -11.37
C THR A 391 2.97 -29.92 -10.49
N ARG A 392 4.14 -29.31 -10.72
CA ARG A 392 5.34 -29.62 -9.94
C ARG A 392 6.14 -28.38 -9.61
N TYR A 393 6.62 -28.31 -8.39
CA TYR A 393 7.49 -27.21 -8.00
C TYR A 393 8.92 -27.53 -8.43
N ASP A 394 9.12 -27.49 -9.73
CA ASP A 394 10.41 -27.81 -10.36
C ASP A 394 10.78 -26.67 -11.30
N ALA A 395 11.86 -25.94 -11.03
CA ALA A 395 12.20 -24.78 -11.86
C ALA A 395 12.42 -25.16 -13.31
N HIS A 396 13.06 -26.28 -13.56
CA HIS A 396 13.32 -26.68 -14.90
C HIS A 396 12.02 -26.96 -15.64
N LYS A 397 11.05 -27.61 -15.00
CA LYS A 397 9.79 -27.86 -15.66
C LYS A 397 9.03 -26.55 -15.86
N MET A 398 9.05 -25.66 -14.88
CA MET A 398 8.32 -24.42 -15.01
C MET A 398 8.87 -23.53 -16.13
N SER A 399 10.20 -23.45 -16.23
CA SER A 399 10.81 -22.62 -17.26
C SER A 399 10.62 -23.21 -18.63
N HIS A 400 10.65 -24.54 -18.69
CA HIS A 400 10.44 -25.22 -19.95
C HIS A 400 8.99 -25.03 -20.42
N ASP A 401 8.04 -25.15 -19.48
CA ASP A 401 6.63 -24.97 -19.82
C ASP A 401 6.34 -23.54 -20.24
N ALA A 402 6.96 -22.59 -19.55
CA ALA A 402 6.79 -21.18 -19.87
C ALA A 402 7.26 -20.89 -21.29
N PHE A 403 8.38 -21.47 -21.69
CA PHE A 403 8.88 -21.25 -23.02
C PHE A 403 7.95 -21.87 -24.04
N THR A 404 7.45 -23.07 -23.72
CA THR A 404 6.56 -23.77 -24.61
C THR A 404 5.33 -22.92 -24.95
N VAL A 405 4.76 -22.24 -23.96
CA VAL A 405 3.54 -21.47 -24.18
C VAL A 405 3.77 -20.14 -24.88
N ILE A 406 4.99 -19.59 -24.89
CA ILE A 406 5.25 -18.29 -25.55
C ILE A 406 6.11 -18.40 -26.80
N LYS A 407 6.76 -19.55 -27.00
CA LYS A 407 7.71 -19.72 -28.13
C LYS A 407 7.10 -19.40 -29.47
N ASN A 408 5.81 -19.50 -29.66
CA ASN A 408 5.24 -19.26 -31.01
C ASN A 408 5.11 -17.79 -31.27
N CYS A 409 5.28 -16.94 -30.25
CA CYS A 409 5.25 -15.52 -30.49
C CYS A 409 6.49 -15.07 -31.26
N ASN A 410 7.53 -15.89 -31.28
CA ASN A 410 8.73 -15.55 -32.01
C ASN A 410 8.45 -15.48 -33.51
N THR A 411 8.68 -14.31 -34.14
CA THR A 411 8.40 -14.13 -35.56
C THR A 411 9.65 -14.31 -36.41
N SER A 412 10.78 -14.58 -35.76
CA SER A 412 12.03 -14.74 -36.46
C SER A 412 11.98 -15.94 -37.40
N GLY A 413 12.52 -15.76 -38.60
CA GLY A 413 12.53 -16.87 -39.53
C GLY A 413 13.59 -17.85 -39.06
N ILE A 414 14.63 -17.29 -38.46
CA ILE A 414 15.79 -18.06 -37.99
C ILE A 414 15.57 -18.69 -36.60
N GLN A 415 15.88 -19.99 -36.51
CA GLN A 415 15.68 -20.75 -35.27
C GLN A 415 16.42 -20.21 -34.05
N THR A 416 17.70 -19.88 -34.19
CA THR A 416 18.50 -19.40 -33.05
C THR A 416 18.01 -18.05 -32.51
N GLU A 417 17.50 -17.19 -33.38
CA GLU A 417 17.08 -15.81 -33.01
C GLU A 417 15.65 -15.68 -32.49
N TRP A 418 15.47 -14.62 -31.71
CA TRP A 418 14.16 -14.26 -31.19
C TRP A 418 13.79 -12.85 -31.57
N SER A 419 12.63 -12.68 -32.19
CA SER A 419 12.14 -11.36 -32.55
C SER A 419 10.63 -11.34 -32.52
N PRO A 420 10.04 -10.20 -32.15
CA PRO A 420 10.77 -9.00 -31.76
C PRO A 420 11.36 -9.19 -30.37
N PRO A 421 12.58 -8.67 -30.12
CA PRO A 421 13.21 -8.85 -28.79
C PRO A 421 12.26 -8.54 -27.61
N LEU A 422 12.50 -9.23 -26.48
CA LEU A 422 11.65 -9.10 -25.29
C LEU A 422 12.23 -8.10 -24.28
N THR A 423 11.40 -7.15 -23.85
CA THR A 423 11.83 -6.15 -22.89
C THR A 423 11.36 -6.51 -21.48
N MET A 424 10.60 -7.60 -21.34
CA MET A 424 10.16 -8.02 -20.01
C MET A 424 9.71 -9.48 -19.97
N LEU A 425 10.04 -10.14 -18.87
CA LEU A 425 9.60 -11.51 -18.60
C LEU A 425 8.92 -11.50 -17.24
N PHE A 426 7.80 -12.19 -17.10
CA PHE A 426 7.09 -12.27 -15.83
C PHE A 426 6.55 -13.68 -15.62
N LEU A 427 6.86 -14.29 -14.48
CA LEU A 427 6.30 -15.60 -14.14
C LEU A 427 5.45 -15.45 -12.90
N CYS A 428 4.22 -15.93 -12.91
CA CYS A 428 3.37 -15.80 -11.74
C CYS A 428 2.69 -17.12 -11.39
N ALA A 429 2.78 -17.53 -10.12
CA ALA A 429 2.10 -18.73 -9.66
C ALA A 429 0.76 -18.34 -9.07
N THR A 430 -0.31 -18.99 -9.50
CA THR A 430 -1.65 -18.60 -9.05
C THR A 430 -2.55 -19.81 -8.80
N LYS A 431 -3.79 -19.51 -8.42
CA LYS A 431 -4.79 -20.53 -8.15
C LYS A 431 -4.34 -21.54 -7.10
N PHE A 432 -4.13 -21.00 -5.90
CA PHE A 432 -3.72 -21.81 -4.76
C PHE A 432 -4.86 -22.68 -4.27
N SER A 433 -4.44 -23.86 -3.82
CA SER A 433 -5.34 -24.88 -3.31
C SER A 433 -4.74 -25.45 -2.02
N ALA A 434 -5.57 -25.80 -1.05
CA ALA A 434 -5.06 -26.31 0.22
C ALA A 434 -4.26 -27.58 0.05
N SER A 435 -3.20 -27.72 0.84
CA SER A 435 -2.34 -28.92 0.79
C SER A 435 -1.99 -29.40 2.19
#